data_1CA0
#
_entry.id   1CA0
#
_cell.length_a   70.522
_cell.length_b   181.488
_cell.length_c   46.328
_cell.angle_alpha   90.00
_cell.angle_beta   90.00
_cell.angle_gamma   90.00
#
_symmetry.space_group_name_H-M   'P 21 21 2'
#
loop_
_entity.id
_entity.type
_entity.pdbx_description
1 polymer 'BOVINE CHYMOTRYPSIN'
2 polymer 'BOVINE CHYMOTRYPSIN'
3 polymer 'BOVINE CHYMOTRYPSIN'
4 polymer "PROTEASE INHIBITOR DOMAIN OF ALZHEIMER'S AMYLOID BETA-PROTEIN PRECURSOR"
5 water water
#
loop_
_entity_poly.entity_id
_entity_poly.type
_entity_poly.pdbx_seq_one_letter_code
_entity_poly.pdbx_strand_id
1 'polypeptide(L)' CGVPAIQPVLSGL A,F
2 'polypeptide(L)'
;IVNGEEAVPGSWPWQVSLQDKTGFHFCGGSLINENWVVTAAHCGVTTSDVVVAGEFDQGSSSEKIQKLKIAKVFKNSKYN
SLTINNDITLLKLSTAASFSQTVSAVCLPSASDDFAAGTTCVTTGWGLTRY
;
B,G
3 'polypeptide(L)'
;ANTPDRLQQASLPLLSNTNCKKYWGTKIKDAMICAGASGVSSCMGDSGGPLVCKKNGAWTLVGIVSWGSSTCSTSTPGVY
ARVTALVNWVQQTLAAN
;
C,H
4 'polypeptide(L)' EVCSEQAETGPCRAMISRWYFDVTEGKCAPFFYGGCGGNRNNFDTEEYCMAVCG D,I
#
# COMPACT_ATOMS: atom_id res chain seq x y z
N CYS A 1 -14.60 -27.26 -4.14
CA CYS A 1 -14.82 -25.83 -4.49
C CYS A 1 -14.34 -24.95 -3.35
N GLY A 2 -14.10 -23.69 -3.66
CA GLY A 2 -13.68 -22.73 -2.64
C GLY A 2 -12.42 -22.92 -1.84
N VAL A 3 -11.53 -23.82 -2.27
CA VAL A 3 -10.27 -24.01 -1.56
C VAL A 3 -9.14 -23.88 -2.59
N PRO A 4 -8.68 -22.65 -2.84
CA PRO A 4 -7.60 -22.40 -3.82
C PRO A 4 -6.33 -23.20 -3.55
N ALA A 5 -5.75 -23.73 -4.61
CA ALA A 5 -4.51 -24.48 -4.49
C ALA A 5 -3.51 -23.45 -3.97
N ILE A 6 -3.45 -22.33 -4.68
CA ILE A 6 -2.59 -21.23 -4.33
C ILE A 6 -3.38 -20.38 -3.33
N GLN A 7 -3.03 -20.52 -2.05
CA GLN A 7 -3.70 -19.80 -0.98
C GLN A 7 -3.62 -18.28 -1.09
N PRO A 8 -4.77 -17.61 -0.99
CA PRO A 8 -4.84 -16.16 -1.08
C PRO A 8 -4.39 -15.55 0.25
N VAL A 9 -3.64 -14.46 0.18
CA VAL A 9 -3.20 -13.82 1.41
C VAL A 9 -3.73 -12.40 1.49
N LEU A 10 -4.55 -12.13 2.49
CA LEU A 10 -5.13 -10.81 2.68
C LEU A 10 -4.24 -10.00 3.62
N SER A 11 -3.61 -8.97 3.05
CA SER A 11 -2.72 -8.05 3.77
C SER A 11 -1.32 -8.65 3.99
N ILE B 1 -11.31 -2.10 -8.12
CA ILE B 1 -11.37 -2.02 -6.65
C ILE B 1 -10.55 -0.84 -6.14
N VAL B 2 -11.22 0.11 -5.49
CA VAL B 2 -10.60 1.30 -4.92
C VAL B 2 -10.18 0.96 -3.50
N ASN B 3 -8.88 1.10 -3.21
CA ASN B 3 -8.31 0.82 -1.90
C ASN B 3 -8.17 -0.66 -1.56
N GLY B 4 -7.90 -1.45 -2.58
CA GLY B 4 -7.69 -2.87 -2.40
C GLY B 4 -6.21 -3.09 -2.60
N GLU B 5 -5.80 -4.34 -2.71
CA GLU B 5 -4.39 -4.69 -2.90
C GLU B 5 -4.28 -5.73 -4.02
N GLU B 6 -3.06 -5.90 -4.53
CA GLU B 6 -2.83 -6.89 -5.58
C GLU B 6 -3.00 -8.27 -4.94
N ALA B 7 -3.63 -9.18 -5.67
CA ALA B 7 -3.85 -10.53 -5.16
C ALA B 7 -2.64 -11.39 -5.47
N VAL B 8 -2.50 -12.50 -4.76
CA VAL B 8 -1.40 -13.44 -5.02
C VAL B 8 -1.79 -14.11 -6.34
N PRO B 9 -0.87 -14.15 -7.32
CA PRO B 9 -1.20 -14.77 -8.59
C PRO B 9 -1.78 -16.16 -8.42
N GLY B 10 -2.95 -16.37 -9.03
CA GLY B 10 -3.62 -17.65 -8.98
C GLY B 10 -4.34 -18.02 -7.70
N SER B 11 -4.44 -17.07 -6.77
CA SER B 11 -5.09 -17.28 -5.48
C SER B 11 -6.62 -17.26 -5.45
N TRP B 12 -7.25 -16.76 -6.51
CA TRP B 12 -8.72 -16.73 -6.62
C TRP B 12 -9.03 -17.36 -7.99
N PRO B 13 -8.74 -18.67 -8.14
CA PRO B 13 -8.92 -19.48 -9.33
C PRO B 13 -10.27 -19.45 -10.05
N TRP B 14 -11.31 -19.04 -9.35
CA TRP B 14 -12.64 -18.98 -9.97
C TRP B 14 -12.88 -17.66 -10.69
N GLN B 15 -12.05 -16.66 -10.38
CA GLN B 15 -12.16 -15.35 -10.98
C GLN B 15 -11.86 -15.37 -12.46
N VAL B 16 -12.84 -14.97 -13.28
CA VAL B 16 -12.65 -14.90 -14.72
C VAL B 16 -12.86 -13.49 -15.22
N SER B 17 -12.27 -13.20 -16.37
CA SER B 17 -12.36 -11.89 -16.99
C SER B 17 -13.23 -11.99 -18.24
N LEU B 18 -14.33 -11.24 -18.27
CA LEU B 18 -15.21 -11.26 -19.44
C LEU B 18 -14.76 -10.19 -20.41
N GLN B 19 -14.41 -10.63 -21.61
CA GLN B 19 -13.93 -9.76 -22.67
C GLN B 19 -14.86 -9.83 -23.87
N ASP B 20 -14.76 -8.84 -24.74
CA ASP B 20 -15.58 -8.80 -25.93
C ASP B 20 -14.72 -9.20 -27.10
N LYS B 21 -15.23 -8.98 -28.32
CA LYS B 21 -14.52 -9.27 -29.55
C LYS B 21 -13.09 -8.72 -29.54
N THR B 22 -12.97 -7.45 -29.16
CA THR B 22 -11.66 -6.78 -29.11
C THR B 22 -10.80 -7.23 -27.95
N GLY B 23 -11.33 -8.13 -27.13
CA GLY B 23 -10.59 -8.61 -25.97
C GLY B 23 -10.58 -7.56 -24.87
N PHE B 24 -11.63 -6.75 -24.85
CA PHE B 24 -11.77 -5.70 -23.86
C PHE B 24 -12.56 -6.16 -22.63
N HIS B 25 -11.88 -6.20 -21.49
CA HIS B 25 -12.48 -6.59 -20.21
C HIS B 25 -13.55 -5.57 -19.86
N PHE B 26 -14.78 -6.03 -19.72
CA PHE B 26 -15.88 -5.13 -19.36
C PHE B 26 -16.53 -5.56 -18.05
N CYS B 27 -16.27 -6.80 -17.65
CA CYS B 27 -16.82 -7.36 -16.42
C CYS B 27 -15.99 -8.54 -15.95
N GLY B 28 -16.37 -9.07 -14.79
CA GLY B 28 -15.74 -10.23 -14.22
C GLY B 28 -16.81 -11.29 -14.06
N GLY B 29 -16.42 -12.44 -13.54
CA GLY B 29 -17.35 -13.53 -13.33
C GLY B 29 -16.69 -14.60 -12.47
N SER B 30 -17.48 -15.60 -12.06
CA SER B 30 -16.94 -16.68 -11.25
C SER B 30 -17.29 -18.06 -11.80
N LEU B 31 -16.31 -18.95 -11.83
CA LEU B 31 -16.53 -20.31 -12.28
C LEU B 31 -17.16 -21.07 -11.12
N ILE B 32 -18.28 -21.75 -11.36
CA ILE B 32 -18.94 -22.54 -10.32
C ILE B 32 -18.73 -24.04 -10.58
N ASN B 33 -18.24 -24.36 -11.77
CA ASN B 33 -17.91 -25.71 -12.22
C ASN B 33 -17.14 -25.51 -13.52
N GLU B 34 -16.77 -26.59 -14.20
CA GLU B 34 -16.01 -26.45 -15.44
C GLU B 34 -16.72 -25.82 -16.63
N ASN B 35 -18.04 -25.83 -16.65
CA ASN B 35 -18.77 -25.25 -17.77
C ASN B 35 -19.72 -24.10 -17.51
N TRP B 36 -19.80 -23.64 -16.26
CA TRP B 36 -20.69 -22.53 -15.94
C TRP B 36 -20.02 -21.41 -15.17
N VAL B 37 -20.28 -20.19 -15.63
CA VAL B 37 -19.76 -18.97 -15.02
C VAL B 37 -20.96 -18.11 -14.61
N VAL B 38 -20.92 -17.62 -13.38
CA VAL B 38 -21.98 -16.77 -12.90
C VAL B 38 -21.46 -15.34 -12.94
N THR B 39 -22.24 -14.46 -13.55
CA THR B 39 -21.85 -13.07 -13.67
C THR B 39 -23.09 -12.22 -13.34
N ALA B 40 -23.00 -10.93 -13.63
CA ALA B 40 -24.09 -9.99 -13.38
C ALA B 40 -24.94 -9.83 -14.63
N ALA B 41 -26.24 -9.71 -14.44
CA ALA B 41 -27.16 -9.54 -15.56
C ALA B 41 -26.96 -8.24 -16.33
N HIS B 42 -26.56 -7.17 -15.64
CA HIS B 42 -26.35 -5.88 -16.28
C HIS B 42 -25.12 -5.83 -17.18
N CYS B 43 -24.21 -6.78 -17.02
CA CYS B 43 -23.01 -6.81 -17.85
C CYS B 43 -23.32 -6.95 -19.34
N GLY B 44 -24.46 -7.55 -19.65
CA GLY B 44 -24.89 -7.71 -21.03
C GLY B 44 -23.99 -8.62 -21.85
N VAL B 45 -23.67 -9.77 -21.28
CA VAL B 45 -22.82 -10.76 -21.95
C VAL B 45 -23.57 -11.45 -23.09
N THR B 46 -22.84 -11.72 -24.18
CA THR B 46 -23.40 -12.38 -25.35
C THR B 46 -22.48 -13.53 -25.75
N THR B 47 -22.92 -14.30 -26.73
CA THR B 47 -22.15 -15.44 -27.25
C THR B 47 -20.88 -14.95 -27.93
N SER B 48 -20.91 -13.69 -28.36
CA SER B 48 -19.77 -13.07 -29.02
C SER B 48 -18.66 -12.71 -28.02
N ASP B 49 -19.01 -12.63 -26.73
CA ASP B 49 -18.04 -12.32 -25.69
C ASP B 49 -17.27 -13.59 -25.31
N VAL B 50 -16.09 -13.43 -24.74
CA VAL B 50 -15.22 -14.54 -24.37
C VAL B 50 -14.87 -14.53 -22.88
N VAL B 51 -14.94 -15.71 -22.24
CA VAL B 51 -14.61 -15.87 -20.82
C VAL B 51 -13.12 -16.25 -20.75
N VAL B 52 -12.34 -15.50 -19.99
CA VAL B 52 -10.91 -15.80 -19.86
C VAL B 52 -10.57 -16.28 -18.44
N ALA B 53 -10.02 -17.48 -18.33
CA ALA B 53 -9.69 -18.08 -17.04
C ALA B 53 -8.19 -18.30 -16.81
N GLY B 54 -7.84 -18.40 -15.52
CA GLY B 54 -6.46 -18.60 -15.12
C GLY B 54 -5.63 -17.38 -15.40
N GLU B 55 -6.18 -16.20 -15.09
CA GLU B 55 -5.49 -14.94 -15.35
C GLU B 55 -5.23 -14.06 -14.12
N PHE B 56 -4.14 -13.29 -14.20
CA PHE B 56 -3.76 -12.36 -13.13
C PHE B 56 -3.37 -11.00 -13.71
N ASP B 57 -2.41 -11.02 -14.62
CA ASP B 57 -1.93 -9.81 -15.26
C ASP B 57 -2.47 -9.72 -16.68
N GLN B 58 -3.16 -8.62 -16.98
CA GLN B 58 -3.76 -8.42 -18.29
C GLN B 58 -2.83 -7.82 -19.35
N GLY B 59 -1.68 -7.32 -18.92
CA GLY B 59 -0.73 -6.76 -19.86
C GLY B 59 0.35 -7.80 -20.09
N SER B 60 0.10 -9.00 -19.58
CA SER B 60 1.02 -10.13 -19.68
C SER B 60 0.84 -10.89 -20.99
N SER B 61 1.83 -11.70 -21.30
CA SER B 61 1.83 -12.50 -22.52
C SER B 61 2.23 -13.94 -22.24
N SER B 62 2.78 -14.19 -21.06
CA SER B 62 3.26 -15.53 -20.69
C SER B 62 2.30 -16.48 -19.96
N GLU B 63 1.41 -15.93 -19.13
CA GLU B 63 0.47 -16.74 -18.36
C GLU B 63 -0.30 -17.75 -19.19
N LYS B 64 -0.45 -18.96 -18.66
CA LYS B 64 -1.20 -19.99 -19.36
C LYS B 64 -2.65 -19.77 -18.97
N ILE B 65 -3.35 -19.04 -19.81
CA ILE B 65 -4.74 -18.71 -19.58
C ILE B 65 -5.60 -19.54 -20.53
N GLN B 66 -6.91 -19.54 -20.27
CA GLN B 66 -7.84 -20.28 -21.12
C GLN B 66 -8.87 -19.27 -21.59
N LYS B 67 -9.01 -19.15 -22.90
CA LYS B 67 -9.96 -18.23 -23.49
C LYS B 67 -11.06 -19.13 -24.00
N LEU B 68 -12.12 -19.25 -23.22
CA LEU B 68 -13.25 -20.10 -23.52
C LEU B 68 -14.40 -19.31 -24.11
N LYS B 69 -14.98 -19.85 -25.18
CA LYS B 69 -16.09 -19.19 -25.84
C LYS B 69 -17.36 -19.49 -25.08
N ILE B 70 -18.36 -18.61 -25.23
CA ILE B 70 -19.64 -18.76 -24.56
C ILE B 70 -20.61 -19.34 -25.56
N ALA B 71 -21.34 -20.37 -25.14
CA ALA B 71 -22.30 -21.04 -25.99
C ALA B 71 -23.73 -20.65 -25.66
N LYS B 72 -23.97 -20.37 -24.38
CA LYS B 72 -25.29 -20.01 -23.94
C LYS B 72 -25.23 -18.98 -22.86
N VAL B 73 -26.14 -18.02 -22.91
CA VAL B 73 -26.24 -16.96 -21.90
C VAL B 73 -27.65 -17.08 -21.30
N PHE B 74 -27.74 -17.05 -19.96
CA PHE B 74 -29.02 -17.14 -19.28
C PHE B 74 -29.17 -16.07 -18.22
N LYS B 75 -29.73 -14.92 -18.60
CA LYS B 75 -29.96 -13.81 -17.66
C LYS B 75 -31.23 -14.10 -16.85
N ASN B 76 -31.17 -13.91 -15.54
CA ASN B 76 -32.33 -14.17 -14.69
C ASN B 76 -33.55 -13.41 -15.21
N SER B 77 -34.57 -14.17 -15.59
CA SER B 77 -35.82 -13.63 -16.13
C SER B 77 -36.44 -12.52 -15.26
N LYS B 78 -36.16 -12.58 -13.98
CA LYS B 78 -36.68 -11.60 -13.04
C LYS B 78 -35.78 -10.36 -12.92
N TYR B 79 -34.75 -10.26 -13.75
CA TYR B 79 -33.86 -9.12 -13.68
C TYR B 79 -34.56 -7.81 -14.07
N ASN B 80 -34.57 -6.84 -13.16
CA ASN B 80 -35.21 -5.54 -13.37
C ASN B 80 -34.18 -4.47 -13.75
N SER B 81 -34.28 -3.94 -14.97
CA SER B 81 -33.33 -2.93 -15.43
C SER B 81 -33.43 -1.59 -14.72
N LEU B 82 -34.50 -1.39 -13.95
CA LEU B 82 -34.67 -0.14 -13.22
C LEU B 82 -34.22 -0.27 -11.77
N THR B 83 -34.57 -1.38 -11.12
CA THR B 83 -34.20 -1.61 -9.72
C THR B 83 -32.90 -2.37 -9.62
N ILE B 84 -32.54 -3.04 -10.70
CA ILE B 84 -31.34 -3.85 -10.79
C ILE B 84 -31.42 -5.03 -9.80
N ASN B 85 -32.64 -5.50 -9.56
CA ASN B 85 -32.85 -6.63 -8.65
C ASN B 85 -32.80 -7.90 -9.50
N ASN B 86 -32.17 -8.95 -8.95
CA ASN B 86 -31.98 -10.25 -9.62
C ASN B 86 -30.92 -10.07 -10.69
N ASP B 87 -29.87 -9.36 -10.33
CA ASP B 87 -28.79 -9.04 -11.23
C ASP B 87 -27.83 -10.21 -11.35
N ILE B 88 -28.29 -11.26 -12.02
CA ILE B 88 -27.47 -12.45 -12.20
C ILE B 88 -27.72 -13.09 -13.56
N THR B 89 -26.64 -13.51 -14.19
CA THR B 89 -26.68 -14.16 -15.50
C THR B 89 -25.77 -15.37 -15.41
N LEU B 90 -26.16 -16.47 -16.04
CA LEU B 90 -25.34 -17.67 -16.05
C LEU B 90 -24.79 -17.88 -17.46
N LEU B 91 -23.52 -18.25 -17.55
CA LEU B 91 -22.88 -18.47 -18.83
C LEU B 91 -22.51 -19.95 -18.92
N LYS B 92 -22.83 -20.56 -20.05
CA LYS B 92 -22.45 -21.94 -20.28
C LYS B 92 -21.40 -21.84 -21.38
N LEU B 93 -20.22 -22.38 -21.09
CA LEU B 93 -19.10 -22.34 -22.02
C LEU B 93 -19.32 -23.35 -23.13
N SER B 94 -18.91 -23.01 -24.35
CA SER B 94 -19.04 -23.95 -25.46
C SER B 94 -18.08 -25.07 -25.16
N THR B 95 -16.84 -24.69 -24.86
CA THR B 95 -15.79 -25.63 -24.51
C THR B 95 -15.51 -25.50 -23.01
N ALA B 96 -15.63 -26.60 -22.29
CA ALA B 96 -15.41 -26.62 -20.84
C ALA B 96 -13.98 -26.24 -20.44
N ALA B 97 -13.86 -25.70 -19.23
CA ALA B 97 -12.57 -25.30 -18.70
C ALA B 97 -11.82 -26.53 -18.23
N SER B 98 -10.50 -26.43 -18.18
CA SER B 98 -9.63 -27.51 -17.70
C SER B 98 -9.16 -27.04 -16.34
N PHE B 99 -9.60 -27.71 -15.28
CA PHE B 99 -9.20 -27.28 -13.95
C PHE B 99 -7.75 -27.56 -13.62
N SER B 100 -7.13 -26.62 -12.92
CA SER B 100 -5.74 -26.71 -12.50
C SER B 100 -5.64 -26.00 -11.18
N GLN B 101 -4.43 -25.65 -10.77
CA GLN B 101 -4.25 -24.96 -9.50
C GLN B 101 -4.68 -23.49 -9.57
N THR B 102 -4.65 -22.91 -10.77
CA THR B 102 -5.04 -21.53 -10.95
C THR B 102 -6.39 -21.36 -11.66
N VAL B 103 -7.13 -22.46 -11.81
CA VAL B 103 -8.45 -22.44 -12.43
C VAL B 103 -9.30 -23.50 -11.74
N SER B 104 -10.23 -23.04 -10.91
CA SER B 104 -11.12 -23.92 -10.17
C SER B 104 -12.44 -23.21 -9.80
N ALA B 105 -13.33 -23.91 -9.12
CA ALA B 105 -14.63 -23.37 -8.80
C ALA B 105 -14.84 -22.81 -7.40
N VAL B 106 -15.75 -21.84 -7.30
CA VAL B 106 -16.12 -21.23 -6.02
C VAL B 106 -17.32 -22.02 -5.52
N CYS B 107 -17.49 -22.09 -4.20
CA CYS B 107 -18.63 -22.80 -3.65
C CYS B 107 -19.87 -21.93 -3.73
N LEU B 108 -21.03 -22.56 -3.88
CA LEU B 108 -22.30 -21.85 -3.92
C LEU B 108 -22.95 -22.13 -2.58
N PRO B 109 -23.61 -21.13 -1.98
CA PRO B 109 -24.24 -21.37 -0.68
C PRO B 109 -25.61 -21.99 -0.84
N SER B 110 -26.25 -22.30 0.29
CA SER B 110 -27.59 -22.85 0.27
C SER B 110 -28.49 -21.64 0.46
N ALA B 111 -29.68 -21.67 -0.14
CA ALA B 111 -30.61 -20.57 -0.02
C ALA B 111 -30.91 -20.28 1.46
N SER B 112 -30.59 -21.25 2.33
CA SER B 112 -30.83 -21.12 3.76
C SER B 112 -29.60 -20.77 4.59
N ASP B 113 -28.53 -20.30 3.95
CA ASP B 113 -27.33 -19.95 4.68
C ASP B 113 -27.40 -18.52 5.19
N ASP B 114 -26.87 -18.29 6.40
CA ASP B 114 -26.88 -16.96 6.97
C ASP B 114 -25.51 -16.39 7.22
N PHE B 115 -25.06 -15.53 6.31
CA PHE B 115 -23.78 -14.88 6.46
C PHE B 115 -24.16 -13.58 7.16
N ALA B 116 -23.97 -13.56 8.46
CA ALA B 116 -24.34 -12.41 9.28
C ALA B 116 -23.61 -11.09 9.01
N ALA B 117 -24.28 -9.99 9.35
CA ALA B 117 -23.75 -8.65 9.20
C ALA B 117 -22.49 -8.51 10.05
N GLY B 118 -21.45 -7.94 9.48
CA GLY B 118 -20.21 -7.78 10.21
C GLY B 118 -19.18 -8.76 9.71
N THR B 119 -19.63 -9.81 9.01
CA THR B 119 -18.73 -10.82 8.47
C THR B 119 -17.80 -10.23 7.45
N THR B 120 -16.50 -10.35 7.68
CA THR B 120 -15.54 -9.82 6.71
C THR B 120 -15.42 -10.81 5.53
N CYS B 121 -15.77 -10.35 4.34
CA CYS B 121 -15.68 -11.17 3.16
C CYS B 121 -14.68 -10.54 2.21
N VAL B 122 -14.49 -11.13 1.04
CA VAL B 122 -13.52 -10.62 0.06
C VAL B 122 -14.14 -10.41 -1.32
N THR B 123 -13.76 -9.33 -1.98
CA THR B 123 -14.24 -9.06 -3.33
C THR B 123 -12.98 -8.92 -4.20
N THR B 124 -13.03 -9.47 -5.41
CA THR B 124 -11.88 -9.43 -6.31
C THR B 124 -12.24 -8.89 -7.70
N GLY B 125 -11.26 -8.36 -8.42
CA GLY B 125 -11.54 -7.85 -9.76
C GLY B 125 -10.50 -6.96 -10.41
N TRP B 126 -10.68 -6.68 -11.70
CA TRP B 126 -9.77 -5.83 -12.46
C TRP B 126 -10.40 -4.45 -12.68
N GLY B 127 -11.37 -4.11 -11.83
CA GLY B 127 -12.04 -2.83 -11.95
C GLY B 127 -11.16 -1.69 -11.53
N LEU B 128 -11.61 -0.46 -11.79
CA LEU B 128 -10.85 0.73 -11.46
C LEU B 128 -10.38 0.76 -10.02
N THR B 129 -9.09 1.06 -9.83
CA THR B 129 -8.47 1.17 -8.50
C THR B 129 -8.54 2.61 -8.02
N ARG B 130 -9.13 3.46 -8.86
CA ARG B 130 -9.31 4.87 -8.58
C ARG B 130 -10.33 5.37 -9.58
N TYR B 131 -11.39 5.98 -9.07
CA TYR B 131 -12.46 6.50 -9.90
C TYR B 131 -11.97 7.67 -10.76
N ALA C 1 -9.98 6.56 -12.70
CA ALA C 1 -9.26 6.69 -13.99
C ALA C 1 -8.11 5.68 -14.18
N ASN C 2 -7.80 4.91 -13.15
CA ASN C 2 -6.72 3.93 -13.27
C ASN C 2 -7.24 2.50 -13.27
N THR C 3 -7.09 1.82 -14.40
CA THR C 3 -7.54 0.44 -14.53
C THR C 3 -6.31 -0.45 -14.37
N PRO C 4 -6.36 -1.39 -13.41
CA PRO C 4 -5.24 -2.29 -13.16
C PRO C 4 -5.07 -3.47 -14.11
N ASP C 5 -3.82 -3.84 -14.32
CA ASP C 5 -3.48 -4.98 -15.17
C ASP C 5 -3.53 -6.22 -14.31
N ARG C 6 -3.09 -6.09 -13.06
CA ARG C 6 -3.07 -7.21 -12.12
C ARG C 6 -4.31 -7.27 -11.23
N LEU C 7 -4.84 -8.48 -11.03
CA LEU C 7 -6.02 -8.69 -10.21
C LEU C 7 -5.87 -8.11 -8.80
N GLN C 8 -6.90 -7.38 -8.38
CA GLN C 8 -6.96 -6.75 -7.06
C GLN C 8 -7.97 -7.48 -6.19
N GLN C 9 -7.78 -7.39 -4.88
CA GLN C 9 -8.65 -8.04 -3.91
C GLN C 9 -8.90 -7.06 -2.78
N ALA C 10 -9.99 -7.23 -2.05
CA ALA C 10 -10.28 -6.33 -0.96
C ALA C 10 -11.19 -6.94 0.09
N SER C 11 -10.78 -6.84 1.35
CA SER C 11 -11.58 -7.35 2.44
C SER C 11 -12.64 -6.29 2.74
N LEU C 12 -13.86 -6.73 2.98
CA LEU C 12 -14.94 -5.79 3.27
C LEU C 12 -15.98 -6.50 4.10
N PRO C 13 -16.65 -5.78 5.01
CA PRO C 13 -17.67 -6.37 5.86
C PRO C 13 -19.07 -6.44 5.25
N LEU C 14 -19.83 -7.45 5.65
CA LEU C 14 -21.21 -7.60 5.21
C LEU C 14 -22.02 -6.64 6.05
N LEU C 15 -23.08 -6.07 5.48
CA LEU C 15 -23.89 -5.12 6.22
C LEU C 15 -25.33 -5.58 6.26
N SER C 16 -26.04 -5.18 7.32
CA SER C 16 -27.44 -5.52 7.52
C SER C 16 -28.26 -4.77 6.48
N ASN C 17 -29.41 -5.32 6.11
CA ASN C 17 -30.24 -4.65 5.15
C ASN C 17 -30.69 -3.30 5.73
N THR C 18 -31.03 -3.30 7.02
CA THR C 18 -31.46 -2.08 7.69
C THR C 18 -30.36 -1.02 7.63
N ASN C 19 -29.16 -1.40 8.06
CA ASN C 19 -28.01 -0.50 8.07
C ASN C 19 -27.75 0.06 6.67
N CYS C 20 -27.86 -0.81 5.67
CA CYS C 20 -27.63 -0.42 4.29
C CYS C 20 -28.73 0.54 3.79
N LYS C 21 -29.97 0.24 4.16
CA LYS C 21 -31.10 1.07 3.77
C LYS C 21 -30.99 2.46 4.37
N LYS C 22 -30.26 2.59 5.47
CA LYS C 22 -30.08 3.90 6.09
C LYS C 22 -29.46 4.85 5.08
N TYR C 23 -28.85 4.31 4.02
CA TYR C 23 -28.26 5.13 2.99
C TYR C 23 -28.96 5.00 1.65
N TRP C 24 -29.21 3.77 1.24
CA TRP C 24 -29.84 3.49 -0.05
C TRP C 24 -31.35 3.38 -0.03
N GLY C 25 -31.94 3.41 1.15
CA GLY C 25 -33.38 3.33 1.28
C GLY C 25 -34.04 2.15 0.59
N THR C 26 -35.17 2.43 -0.07
CA THR C 26 -35.95 1.43 -0.78
C THR C 26 -35.26 0.86 -2.01
N LYS C 27 -34.07 1.35 -2.32
CA LYS C 27 -33.33 0.85 -3.47
C LYS C 27 -32.90 -0.58 -3.19
N ILE C 28 -32.56 -0.85 -1.94
CA ILE C 28 -32.12 -2.19 -1.57
C ILE C 28 -33.30 -3.14 -1.64
N LYS C 29 -33.23 -4.10 -2.56
CA LYS C 29 -34.29 -5.09 -2.72
C LYS C 29 -33.88 -6.43 -2.13
N ASP C 30 -34.83 -7.35 -2.00
CA ASP C 30 -34.58 -8.66 -1.41
C ASP C 30 -33.42 -9.50 -1.95
N ALA C 31 -33.12 -9.39 -3.23
CA ALA C 31 -32.04 -10.17 -3.81
C ALA C 31 -30.75 -9.38 -3.83
N MET C 32 -30.58 -8.48 -2.86
CA MET C 32 -29.38 -7.66 -2.77
C MET C 32 -28.79 -7.76 -1.38
N ILE C 33 -27.46 -7.71 -1.31
CA ILE C 33 -26.73 -7.75 -0.05
C ILE C 33 -25.71 -6.62 -0.13
N CYS C 34 -25.52 -5.92 0.97
CA CYS C 34 -24.58 -4.82 1.00
C CYS C 34 -23.32 -5.17 1.74
N ALA C 35 -22.22 -4.64 1.26
CA ALA C 35 -20.92 -4.87 1.84
C ALA C 35 -20.07 -3.66 1.50
N GLY C 36 -19.03 -3.42 2.27
CA GLY C 36 -18.16 -2.29 2.01
C GLY C 36 -18.47 -1.11 2.91
N ALA C 37 -18.47 0.09 2.36
CA ALA C 37 -18.71 1.31 3.12
C ALA C 37 -17.66 1.40 4.21
N SER C 38 -16.55 0.69 4.01
CA SER C 38 -15.50 0.61 4.99
C SER C 38 -14.10 1.02 4.57
N GLY C 39 -13.97 1.78 3.49
CA GLY C 39 -12.64 2.19 3.08
C GLY C 39 -12.14 1.62 1.78
N VAL C 40 -13.00 0.84 1.14
CA VAL C 40 -12.69 0.20 -0.15
C VAL C 40 -13.99 0.22 -0.94
N SER C 41 -13.89 0.04 -2.25
CA SER C 41 -15.09 0.00 -3.06
C SER C 41 -14.88 -0.71 -4.38
N SER C 42 -15.86 -1.53 -4.76
CA SER C 42 -15.81 -2.20 -6.04
C SER C 42 -15.98 -1.01 -6.98
N CYS C 43 -15.56 -1.14 -8.22
CA CYS C 43 -15.68 -0.02 -9.14
C CYS C 43 -15.86 -0.55 -10.56
N MET C 44 -16.02 0.36 -11.52
CA MET C 44 -16.22 0.00 -12.92
C MET C 44 -15.26 -1.08 -13.34
N GLY C 45 -15.81 -2.16 -13.88
CA GLY C 45 -15.00 -3.27 -14.32
C GLY C 45 -15.02 -4.43 -13.35
N ASP C 46 -15.56 -4.19 -12.16
CA ASP C 46 -15.66 -5.22 -11.13
C ASP C 46 -16.95 -6.04 -11.24
N SER C 47 -17.96 -5.48 -11.92
CA SER C 47 -19.26 -6.14 -12.10
C SER C 47 -19.18 -7.60 -12.52
N GLY C 48 -20.06 -8.42 -11.95
CA GLY C 48 -20.07 -9.83 -12.27
C GLY C 48 -19.08 -10.60 -11.43
N GLY C 49 -18.10 -9.90 -10.90
CA GLY C 49 -17.08 -10.52 -10.08
C GLY C 49 -17.65 -11.04 -8.78
N PRO C 50 -16.86 -11.80 -8.03
CA PRO C 50 -17.28 -12.37 -6.76
C PRO C 50 -17.10 -11.60 -5.45
N LEU C 51 -18.00 -11.89 -4.51
CA LEU C 51 -17.95 -11.37 -3.14
C LEU C 51 -18.03 -12.68 -2.36
N VAL C 52 -16.88 -13.19 -1.92
CA VAL C 52 -16.81 -14.47 -1.21
C VAL C 52 -16.57 -14.39 0.30
N CYS C 53 -17.18 -15.32 1.02
CA CYS C 53 -17.06 -15.44 2.47
C CYS C 53 -16.80 -16.94 2.70
N LYS C 54 -15.80 -17.29 3.50
CA LYS C 54 -15.49 -18.70 3.70
C LYS C 54 -16.36 -19.52 4.66
N LYS C 55 -17.37 -20.18 4.10
CA LYS C 55 -18.27 -21.02 4.88
C LYS C 55 -17.63 -22.39 5.07
N ASN C 56 -17.49 -22.80 6.33
CA ASN C 56 -16.88 -24.07 6.68
C ASN C 56 -15.46 -24.19 6.15
N GLY C 57 -14.71 -23.09 6.21
CA GLY C 57 -13.34 -23.10 5.73
C GLY C 57 -13.18 -23.07 4.22
N ALA C 58 -14.28 -22.88 3.49
CA ALA C 58 -14.23 -22.82 2.04
C ALA C 58 -14.91 -21.54 1.56
N TRP C 59 -14.32 -20.90 0.56
CA TRP C 59 -14.85 -19.66 0.00
C TRP C 59 -16.14 -19.91 -0.75
N THR C 60 -17.20 -19.31 -0.23
CA THR C 60 -18.54 -19.43 -0.78
C THR C 60 -19.03 -18.13 -1.40
N LEU C 61 -19.50 -18.20 -2.63
CA LEU C 61 -20.01 -17.04 -3.36
C LEU C 61 -21.29 -16.52 -2.70
N VAL C 62 -21.13 -15.44 -1.95
CA VAL C 62 -22.25 -14.84 -1.24
C VAL C 62 -22.83 -13.67 -2.02
N GLY C 63 -22.00 -13.02 -2.83
CA GLY C 63 -22.47 -11.89 -3.61
C GLY C 63 -21.80 -11.74 -4.95
N ILE C 64 -22.47 -11.01 -5.83
CA ILE C 64 -21.99 -10.73 -7.17
C ILE C 64 -21.92 -9.20 -7.32
N VAL C 65 -20.79 -8.68 -7.76
CA VAL C 65 -20.64 -7.24 -7.91
C VAL C 65 -21.75 -6.73 -8.83
N SER C 66 -22.55 -5.78 -8.31
CA SER C 66 -23.68 -5.21 -9.05
C SER C 66 -23.64 -3.69 -9.22
N TRP C 67 -24.03 -2.94 -8.19
CA TRP C 67 -24.05 -1.47 -8.26
C TRP C 67 -23.67 -0.77 -6.96
N GLY C 68 -23.66 0.56 -7.00
CA GLY C 68 -23.31 1.32 -5.82
C GLY C 68 -23.14 2.80 -6.10
N SER C 69 -22.22 3.43 -5.36
CA SER C 69 -21.93 4.86 -5.55
C SER C 69 -21.36 5.04 -6.96
N SER C 70 -21.97 5.92 -7.74
CA SER C 70 -21.50 6.17 -9.11
C SER C 70 -20.07 6.68 -9.17
N THR C 71 -19.56 7.21 -8.06
CA THR C 71 -18.20 7.70 -8.01
C THR C 71 -17.29 6.73 -7.26
N CYS C 72 -17.83 5.56 -6.93
CA CYS C 72 -17.10 4.53 -6.20
C CYS C 72 -16.61 4.99 -4.81
N SER C 73 -17.47 5.69 -4.09
CA SER C 73 -17.13 6.17 -2.75
C SER C 73 -16.83 4.99 -1.81
N THR C 74 -15.68 5.04 -1.15
CA THR C 74 -15.30 3.95 -0.23
C THR C 74 -16.06 4.04 1.09
N SER C 75 -16.93 5.03 1.22
CA SER C 75 -17.69 5.23 2.45
C SER C 75 -19.18 4.91 2.34
N THR C 76 -19.66 4.60 1.14
CA THR C 76 -21.06 4.27 0.97
C THR C 76 -21.16 2.76 0.76
N PRO C 77 -22.28 2.15 1.16
CA PRO C 77 -22.47 0.71 1.00
C PRO C 77 -22.40 0.26 -0.47
N GLY C 78 -21.73 -0.86 -0.72
CA GLY C 78 -21.63 -1.40 -2.05
C GLY C 78 -22.73 -2.42 -2.12
N VAL C 79 -23.45 -2.48 -3.24
CA VAL C 79 -24.55 -3.43 -3.38
C VAL C 79 -24.19 -4.57 -4.33
N TYR C 80 -24.31 -5.79 -3.82
CA TYR C 80 -23.99 -7.00 -4.57
C TYR C 80 -25.23 -7.87 -4.63
N ALA C 81 -25.33 -8.68 -5.68
CA ALA C 81 -26.47 -9.58 -5.82
C ALA C 81 -26.34 -10.67 -4.76
N ARG C 82 -27.41 -10.88 -4.00
CA ARG C 82 -27.40 -11.88 -2.95
C ARG C 82 -27.57 -13.25 -3.57
N VAL C 83 -26.51 -14.05 -3.48
CA VAL C 83 -26.55 -15.38 -4.06
C VAL C 83 -27.51 -16.35 -3.36
N THR C 84 -27.68 -16.25 -2.04
CA THR C 84 -28.62 -17.16 -1.38
C THR C 84 -30.03 -16.97 -1.96
N ALA C 85 -30.33 -15.74 -2.37
CA ALA C 85 -31.64 -15.41 -2.93
C ALA C 85 -31.77 -15.83 -4.38
N LEU C 86 -30.63 -16.10 -5.03
CA LEU C 86 -30.60 -16.49 -6.44
C LEU C 86 -30.07 -17.91 -6.69
N VAL C 87 -29.55 -18.56 -5.65
CA VAL C 87 -28.98 -19.89 -5.81
C VAL C 87 -29.91 -20.95 -6.40
N ASN C 88 -31.17 -20.98 -5.98
CA ASN C 88 -32.08 -21.98 -6.53
C ASN C 88 -32.28 -21.77 -8.03
N TRP C 89 -32.34 -20.51 -8.46
CA TRP C 89 -32.50 -20.19 -9.88
C TRP C 89 -31.28 -20.79 -10.59
N VAL C 90 -30.10 -20.59 -10.00
CA VAL C 90 -28.85 -21.10 -10.56
C VAL C 90 -28.92 -22.62 -10.74
N GLN C 91 -29.28 -23.32 -9.67
CA GLN C 91 -29.37 -24.76 -9.67
C GLN C 91 -30.36 -25.24 -10.71
N GLN C 92 -31.53 -24.60 -10.74
CA GLN C 92 -32.59 -24.95 -11.68
C GLN C 92 -32.15 -24.77 -13.13
N THR C 93 -31.28 -23.80 -13.37
CA THR C 93 -30.77 -23.55 -14.71
C THR C 93 -29.78 -24.66 -15.10
N LEU C 94 -28.89 -25.02 -14.18
CA LEU C 94 -27.91 -26.07 -14.46
C LEU C 94 -28.63 -27.41 -14.69
N ALA C 95 -29.69 -27.62 -13.92
CA ALA C 95 -30.48 -28.85 -14.00
C ALA C 95 -31.37 -28.95 -15.22
N ALA C 96 -31.41 -27.92 -16.05
CA ALA C 96 -32.27 -27.96 -17.23
C ALA C 96 -31.56 -27.53 -18.49
N ASN C 97 -30.27 -27.28 -18.37
CA ASN C 97 -29.46 -26.86 -19.50
C ASN C 97 -28.11 -27.51 -19.40
N GLU D 1 -33.32 18.05 -24.26
CA GLU D 1 -32.64 17.43 -25.41
C GLU D 1 -31.67 16.38 -24.87
N VAL D 2 -31.81 15.15 -25.35
CA VAL D 2 -30.96 14.07 -24.89
C VAL D 2 -29.51 14.31 -25.26
N CYS D 3 -29.29 14.91 -26.42
CA CYS D 3 -27.95 15.17 -26.90
C CYS D 3 -27.12 16.16 -26.09
N SER D 4 -27.77 16.89 -25.19
CA SER D 4 -27.02 17.85 -24.39
C SER D 4 -26.87 17.42 -22.93
N GLU D 5 -27.35 16.22 -22.61
CA GLU D 5 -27.24 15.69 -21.26
C GLU D 5 -25.83 15.17 -21.02
N GLN D 6 -25.35 15.28 -19.78
CA GLN D 6 -24.00 14.82 -19.44
C GLN D 6 -23.90 13.29 -19.61
N ALA D 7 -22.70 12.81 -19.93
CA ALA D 7 -22.45 11.38 -20.09
C ALA D 7 -22.57 10.77 -18.69
N GLU D 8 -23.41 9.76 -18.55
CA GLU D 8 -23.62 9.13 -17.26
C GLU D 8 -23.24 7.67 -17.16
N THR D 9 -22.23 7.41 -16.33
CA THR D 9 -21.71 6.08 -16.09
C THR D 9 -22.75 5.19 -15.40
N GLY D 10 -23.61 5.79 -14.59
CA GLY D 10 -24.62 5.03 -13.89
C GLY D 10 -24.10 4.38 -12.62
N PRO D 11 -24.98 3.77 -11.81
CA PRO D 11 -24.63 3.11 -10.56
C PRO D 11 -23.94 1.74 -10.68
N CYS D 12 -24.10 1.09 -11.83
CA CYS D 12 -23.49 -0.23 -12.01
C CYS D 12 -21.97 -0.22 -12.22
N ARG D 13 -21.35 -1.35 -11.89
CA ARG D 13 -19.90 -1.52 -11.96
C ARG D 13 -19.29 -2.15 -13.22
N ALA D 14 -19.94 -2.02 -14.36
CA ALA D 14 -19.37 -2.58 -15.59
C ALA D 14 -18.45 -1.53 -16.20
N MET D 15 -17.71 -1.91 -17.22
CA MET D 15 -16.83 -0.98 -17.90
C MET D 15 -17.08 -1.14 -19.40
N ILE D 16 -18.26 -0.72 -19.83
CA ILE D 16 -18.71 -0.83 -21.22
C ILE D 16 -18.43 0.44 -22.03
N SER D 17 -17.82 0.28 -23.21
CA SER D 17 -17.53 1.42 -24.06
C SER D 17 -18.80 1.90 -24.75
N ARG D 18 -19.12 3.18 -24.57
CA ARG D 18 -20.30 3.77 -25.19
C ARG D 18 -19.94 5.16 -25.72
N TRP D 19 -20.90 5.86 -26.30
CA TRP D 19 -20.66 7.19 -26.87
C TRP D 19 -21.77 8.16 -26.52
N TYR D 20 -21.39 9.43 -26.35
CA TYR D 20 -22.36 10.47 -26.02
C TYR D 20 -21.99 11.73 -26.80
N PHE D 21 -23.00 12.54 -27.14
CA PHE D 21 -22.74 13.77 -27.87
C PHE D 21 -22.21 14.84 -26.91
N ASP D 22 -20.98 15.27 -27.17
CA ASP D 22 -20.32 16.27 -26.36
C ASP D 22 -20.57 17.65 -26.93
N VAL D 23 -21.53 18.38 -26.36
CA VAL D 23 -21.87 19.73 -26.83
C VAL D 23 -20.65 20.66 -26.89
N THR D 24 -19.71 20.44 -25.96
CA THR D 24 -18.51 21.25 -25.90
C THR D 24 -17.65 21.08 -27.16
N GLU D 25 -17.51 19.84 -27.62
CA GLU D 25 -16.71 19.54 -28.80
C GLU D 25 -17.53 19.56 -30.10
N GLY D 26 -18.86 19.58 -29.96
CA GLY D 26 -19.72 19.58 -31.12
C GLY D 26 -19.68 18.24 -31.83
N LYS D 27 -19.16 17.24 -31.14
CA LYS D 27 -19.05 15.90 -31.69
C LYS D 27 -19.32 14.88 -30.61
N CYS D 28 -19.39 13.61 -31.00
CA CYS D 28 -19.61 12.52 -30.08
C CYS D 28 -18.27 12.12 -29.49
N ALA D 29 -18.26 11.80 -28.20
CA ALA D 29 -17.03 11.40 -27.54
C ALA D 29 -17.31 10.12 -26.73
N PRO D 30 -16.29 9.28 -26.59
CA PRO D 30 -16.41 8.02 -25.85
C PRO D 30 -16.38 8.18 -24.33
N PHE D 31 -17.06 7.27 -23.65
CA PHE D 31 -17.08 7.27 -22.19
C PHE D 31 -17.39 5.86 -21.79
N PHE D 32 -17.16 5.52 -20.53
CA PHE D 32 -17.42 4.18 -20.06
C PHE D 32 -18.68 4.09 -19.25
N TYR D 33 -19.58 3.24 -19.73
CA TYR D 33 -20.88 2.99 -19.13
C TYR D 33 -20.81 1.84 -18.13
N GLY D 34 -21.48 2.01 -16.99
CA GLY D 34 -21.49 1.02 -15.95
C GLY D 34 -22.41 -0.16 -16.16
N GLY D 35 -23.37 -0.04 -17.09
CA GLY D 35 -24.27 -1.14 -17.37
C GLY D 35 -25.74 -0.98 -17.04
N CYS D 36 -26.08 0.06 -16.27
CA CYS D 36 -27.47 0.32 -15.90
C CYS D 36 -27.61 1.80 -15.59
N GLY D 37 -28.84 2.29 -15.58
CA GLY D 37 -29.07 3.69 -15.29
C GLY D 37 -28.57 4.63 -16.38
N GLY D 38 -28.11 5.80 -15.97
CA GLY D 38 -27.62 6.76 -16.94
C GLY D 38 -28.74 7.44 -17.70
N ASN D 39 -28.45 7.85 -18.93
CA ASN D 39 -29.46 8.53 -19.73
C ASN D 39 -29.38 8.08 -21.19
N ARG D 40 -30.17 8.74 -22.05
CA ARG D 40 -30.23 8.41 -23.47
C ARG D 40 -29.07 8.90 -24.35
N ASN D 41 -28.23 9.76 -23.80
CA ASN D 41 -27.08 10.27 -24.54
C ASN D 41 -26.03 9.21 -24.32
N ASN D 42 -26.35 8.01 -24.78
CA ASN D 42 -25.53 6.83 -24.58
C ASN D 42 -25.71 5.93 -25.80
N PHE D 43 -24.71 5.89 -26.66
CA PHE D 43 -24.79 5.10 -27.88
C PHE D 43 -23.67 4.08 -27.91
N ASP D 44 -23.88 3.00 -28.65
CA ASP D 44 -22.89 1.93 -28.75
C ASP D 44 -21.78 2.24 -29.75
N THR D 45 -22.05 3.15 -30.69
CA THR D 45 -21.02 3.51 -31.66
C THR D 45 -20.99 5.00 -31.88
N GLU D 46 -19.85 5.48 -32.37
CA GLU D 46 -19.62 6.88 -32.69
C GLU D 46 -20.49 7.28 -33.87
N GLU D 47 -20.69 6.32 -34.79
CA GLU D 47 -21.50 6.53 -35.98
C GLU D 47 -22.96 6.71 -35.64
N TYR D 48 -23.49 5.84 -34.78
CA TYR D 48 -24.89 5.93 -34.40
C TYR D 48 -25.12 7.19 -33.59
N CYS D 49 -24.10 7.56 -32.82
CA CYS D 49 -24.20 8.76 -32.03
C CYS D 49 -24.27 9.94 -32.99
N MET D 50 -23.40 9.97 -33.98
CA MET D 50 -23.40 11.06 -34.98
C MET D 50 -24.73 11.10 -35.73
N ALA D 51 -25.21 9.93 -36.12
CA ALA D 51 -26.48 9.83 -36.83
C ALA D 51 -27.64 10.40 -36.03
N VAL D 52 -27.60 10.17 -34.71
CA VAL D 52 -28.68 10.64 -33.85
C VAL D 52 -28.51 12.08 -33.38
N CYS D 53 -27.30 12.42 -32.95
CA CYS D 53 -27.03 13.76 -32.42
C CYS D 53 -26.25 14.72 -33.31
N GLY D 54 -25.44 14.20 -34.21
CA GLY D 54 -24.66 15.08 -35.08
C GLY D 54 -25.18 15.15 -36.52
N CYS E 1 9.44 -9.11 4.07
CA CYS E 1 10.04 -7.81 4.44
C CYS E 1 9.06 -6.74 4.00
N GLY E 2 9.10 -5.60 4.66
CA GLY E 2 8.21 -4.51 4.29
C GLY E 2 6.74 -4.80 4.46
N VAL E 3 6.40 -5.78 5.29
CA VAL E 3 5.00 -6.15 5.53
C VAL E 3 4.86 -6.31 7.03
N PRO E 4 4.60 -5.21 7.75
CA PRO E 4 4.44 -5.25 9.20
C PRO E 4 3.32 -6.19 9.61
N ALA E 5 3.60 -7.08 10.57
CA ALA E 5 2.60 -8.04 11.05
C ALA E 5 1.42 -7.31 11.66
N ILE E 6 1.72 -6.29 12.46
CA ILE E 6 0.69 -5.47 13.07
C ILE E 6 0.21 -4.57 11.92
N GLN E 7 0.00 -3.28 12.12
CA GLN E 7 -0.45 -2.49 10.99
C GLN E 7 -0.11 -1.03 11.12
N PRO E 8 0.51 -0.45 10.09
CA PRO E 8 0.87 0.96 10.10
C PRO E 8 -0.31 1.75 9.54
N VAL E 9 -0.87 2.64 10.36
CA VAL E 9 -2.01 3.47 9.94
C VAL E 9 -1.55 4.91 9.68
N LEU E 10 -1.56 5.31 8.42
CA LEU E 10 -1.15 6.65 8.05
C LEU E 10 -2.43 7.49 7.97
N SER E 11 -3.06 7.63 9.13
CA SER E 11 -4.31 8.37 9.31
C SER E 11 -5.56 7.51 8.98
N ILE F 1 10.96 12.96 15.23
CA ILE F 1 10.46 13.69 14.04
C ILE F 1 9.68 14.94 14.47
N VAL F 2 10.01 16.06 13.83
CA VAL F 2 9.36 17.33 14.11
C VAL F 2 8.04 17.40 13.36
N ASN F 3 6.95 17.49 14.12
CA ASN F 3 5.60 17.57 13.59
C ASN F 3 5.12 16.30 12.87
N GLY F 4 5.31 15.17 13.55
CA GLY F 4 4.89 13.89 13.00
C GLY F 4 3.97 13.27 14.03
N GLU F 5 3.20 12.25 13.62
CA GLU F 5 2.27 11.61 14.55
C GLU F 5 2.86 10.36 15.20
N GLU F 6 2.28 9.97 16.33
CA GLU F 6 2.74 8.79 17.06
C GLU F 6 2.34 7.55 16.28
N ALA F 7 3.29 6.64 16.10
CA ALA F 7 3.06 5.40 15.37
C ALA F 7 2.33 4.35 16.20
N VAL F 8 1.90 3.27 15.55
CA VAL F 8 1.20 2.17 16.23
C VAL F 8 2.23 1.24 16.85
N PRO F 9 2.05 0.87 18.13
CA PRO F 9 2.99 -0.01 18.81
C PRO F 9 3.26 -1.28 18.01
N GLY F 10 4.40 -1.28 17.33
CA GLY F 10 4.81 -2.43 16.52
C GLY F 10 4.53 -2.34 15.03
N SER F 11 3.89 -1.27 14.57
CA SER F 11 3.59 -1.11 13.16
C SER F 11 4.83 -0.96 12.24
N TRP F 12 5.98 -0.71 12.84
CA TRP F 12 7.26 -0.57 12.12
C TRP F 12 8.26 -1.49 12.82
N PRO F 13 8.14 -2.80 12.57
CA PRO F 13 8.97 -3.88 13.14
C PRO F 13 10.48 -3.83 12.92
N TRP F 14 10.94 -3.23 11.83
CA TRP F 14 12.38 -3.14 11.52
C TRP F 14 13.10 -2.04 12.27
N GLN F 15 12.34 -1.04 12.70
CA GLN F 15 12.87 0.10 13.41
C GLN F 15 13.55 -0.33 14.71
N VAL F 16 14.85 -0.07 14.81
CA VAL F 16 15.57 -0.40 16.01
C VAL F 16 16.12 0.89 16.59
N SER F 17 16.56 0.82 17.85
CA SER F 17 17.12 1.96 18.54
C SER F 17 18.55 1.58 18.87
N LEU F 18 19.47 2.51 18.64
CA LEU F 18 20.88 2.28 18.95
C LEU F 18 21.14 3.11 20.18
N GLN F 19 21.61 2.47 21.24
CA GLN F 19 21.90 3.18 22.49
C GLN F 19 23.34 2.88 22.89
N ASP F 20 24.04 3.87 23.44
CA ASP F 20 25.42 3.67 23.85
C ASP F 20 25.49 2.78 25.07
N LYS F 21 26.71 2.43 25.47
CA LYS F 21 26.96 1.56 26.62
C LYS F 21 26.26 2.03 27.88
N THR F 22 26.03 3.33 27.96
CA THR F 22 25.35 3.92 29.09
C THR F 22 23.82 3.91 28.88
N GLY F 23 23.37 3.13 27.89
CA GLY F 23 21.96 2.98 27.58
C GLY F 23 21.19 4.12 26.94
N PHE F 24 21.88 5.15 26.47
CA PHE F 24 21.21 6.29 25.85
C PHE F 24 21.08 6.20 24.30
N HIS F 25 19.85 6.35 23.81
CA HIS F 25 19.55 6.31 22.38
C HIS F 25 20.18 7.48 21.66
N PHE F 26 21.00 7.19 20.64
CA PHE F 26 21.63 8.26 19.89
C PHE F 26 21.27 8.25 18.39
N CYS F 27 20.74 7.13 17.91
CA CYS F 27 20.35 6.99 16.51
C CYS F 27 19.33 5.87 16.35
N GLY F 28 18.84 5.74 15.12
CA GLY F 28 17.90 4.70 14.78
C GLY F 28 18.55 3.80 13.74
N GLY F 29 17.84 2.75 13.34
CA GLY F 29 18.37 1.82 12.35
C GLY F 29 17.25 0.89 11.90
N SER F 30 17.48 0.14 10.82
CA SER F 30 16.47 -0.77 10.33
C SER F 30 17.01 -2.19 10.16
N LEU F 31 16.20 -3.17 10.54
CA LEU F 31 16.58 -4.57 10.37
C LEU F 31 16.31 -4.94 8.93
N ILE F 32 17.26 -5.61 8.28
CA ILE F 32 17.08 -6.04 6.90
C ILE F 32 16.96 -7.56 6.90
N ASN F 33 17.35 -8.16 8.01
CA ASN F 33 17.28 -9.61 8.24
C ASN F 33 17.58 -9.83 9.72
N GLU F 34 17.57 -11.08 10.16
CA GLU F 34 17.81 -11.35 11.57
C GLU F 34 19.17 -10.99 12.17
N ASN F 35 20.22 -10.90 11.35
CA ASN F 35 21.51 -10.56 11.92
C ASN F 35 22.18 -9.28 11.41
N TRP F 36 21.46 -8.52 10.59
CA TRP F 36 21.96 -7.26 10.02
C TRP F 36 21.04 -6.06 10.21
N VAL F 37 21.64 -4.93 10.56
CA VAL F 37 20.94 -3.66 10.76
C VAL F 37 21.64 -2.61 9.92
N VAL F 38 20.87 -1.80 9.21
CA VAL F 38 21.42 -0.73 8.39
C VAL F 38 21.16 0.60 9.10
N THR F 39 22.21 1.41 9.24
CA THR F 39 22.07 2.70 9.89
C THR F 39 22.92 3.72 9.14
N ALA F 40 23.09 4.91 9.71
CA ALA F 40 23.88 5.99 9.08
C ALA F 40 25.32 5.91 9.54
N ALA F 41 26.25 6.28 8.67
CA ALA F 41 27.67 6.25 8.98
C ALA F 41 28.08 7.29 10.03
N HIS F 42 27.45 8.46 10.00
CA HIS F 42 27.77 9.52 10.93
C HIS F 42 27.32 9.26 12.36
N CYS F 43 26.58 8.17 12.57
CA CYS F 43 26.12 7.80 13.89
C CYS F 43 27.26 7.27 14.76
N GLY F 44 28.37 6.95 14.12
CA GLY F 44 29.51 6.45 14.85
C GLY F 44 29.19 5.27 15.76
N VAL F 45 28.50 4.28 15.21
CA VAL F 45 28.14 3.09 15.96
C VAL F 45 29.40 2.24 16.19
N THR F 46 29.51 1.65 17.39
CA THR F 46 30.67 0.84 17.79
C THR F 46 30.15 -0.45 18.39
N THR F 47 31.00 -1.46 18.49
CA THR F 47 30.63 -2.75 19.07
C THR F 47 30.30 -2.58 20.55
N SER F 48 30.61 -1.40 21.07
CA SER F 48 30.34 -1.04 22.46
C SER F 48 28.88 -0.63 22.63
N ASP F 49 28.23 -0.34 21.51
CA ASP F 49 26.84 0.08 21.51
C ASP F 49 25.90 -1.11 21.39
N VAL F 50 24.62 -0.85 21.59
CA VAL F 50 23.60 -1.88 21.53
C VAL F 50 22.46 -1.51 20.61
N VAL F 51 21.87 -2.54 20.00
CA VAL F 51 20.73 -2.41 19.11
C VAL F 51 19.51 -2.85 19.93
N VAL F 52 18.44 -2.07 19.90
CA VAL F 52 17.26 -2.43 20.66
C VAL F 52 16.11 -2.57 19.68
N ALA F 53 15.58 -3.79 19.57
CA ALA F 53 14.49 -4.07 18.65
C ALA F 53 13.18 -4.37 19.37
N GLY F 54 12.06 -4.21 18.66
CA GLY F 54 10.75 -4.47 19.21
C GLY F 54 10.39 -3.49 20.30
N GLU F 55 10.65 -2.21 20.05
CA GLU F 55 10.39 -1.16 21.02
C GLU F 55 9.42 -0.12 20.47
N PHE F 56 8.84 0.67 21.36
CA PHE F 56 7.90 1.73 20.96
C PHE F 56 7.91 2.85 21.97
N ASP F 57 8.23 2.54 23.22
CA ASP F 57 8.22 3.53 24.28
C ASP F 57 9.50 3.38 25.08
N GLN F 58 10.37 4.38 24.99
CA GLN F 58 11.64 4.38 25.71
C GLN F 58 11.44 4.75 27.17
N GLY F 59 10.56 3.99 27.82
CA GLY F 59 10.24 4.20 29.21
C GLY F 59 9.06 3.29 29.50
N SER F 60 9.24 2.01 29.18
CA SER F 60 8.21 1.01 29.38
C SER F 60 8.87 -0.34 29.60
N SER F 61 9.05 -0.71 30.88
CA SER F 61 9.66 -1.99 31.23
C SER F 61 8.72 -3.09 30.73
N SER F 62 7.44 -2.72 30.58
CA SER F 62 6.43 -3.64 30.11
C SER F 62 6.54 -3.81 28.59
N GLU F 63 7.76 -4.05 28.11
CA GLU F 63 7.98 -4.21 26.67
C GLU F 63 8.78 -5.45 26.29
N LYS F 64 8.33 -6.09 25.22
CA LYS F 64 8.92 -7.29 24.64
C LYS F 64 10.07 -6.87 23.71
N ILE F 65 11.11 -6.29 24.29
CA ILE F 65 12.24 -5.81 23.51
C ILE F 65 13.43 -6.75 23.47
N GLN F 66 14.33 -6.48 22.52
CA GLN F 66 15.56 -7.25 22.34
C GLN F 66 16.74 -6.28 22.31
N LYS F 67 17.64 -6.44 23.28
CA LYS F 67 18.85 -5.62 23.39
C LYS F 67 19.98 -6.43 22.77
N LEU F 68 20.17 -6.23 21.47
CA LEU F 68 21.16 -6.97 20.69
C LEU F 68 22.57 -6.37 20.56
N LYS F 69 23.56 -7.12 21.02
CA LYS F 69 24.95 -6.68 20.92
C LYS F 69 25.43 -6.67 19.46
N ILE F 70 26.42 -5.85 19.18
CA ILE F 70 26.96 -5.70 17.83
C ILE F 70 28.28 -6.46 17.69
N ALA F 71 28.28 -7.41 16.76
CA ALA F 71 29.46 -8.23 16.48
C ALA F 71 30.49 -7.43 15.72
N LYS F 72 30.05 -6.72 14.69
CA LYS F 72 30.98 -5.94 13.89
C LYS F 72 30.28 -4.79 13.20
N VAL F 73 31.02 -3.72 12.94
CA VAL F 73 30.50 -2.54 12.27
C VAL F 73 31.19 -2.38 10.92
N PHE F 74 30.41 -2.08 9.89
CA PHE F 74 30.93 -1.91 8.54
C PHE F 74 30.52 -0.54 7.98
N LYS F 75 31.39 0.46 8.12
CA LYS F 75 31.10 1.79 7.59
C LYS F 75 31.50 1.85 6.13
N ASN F 76 30.63 2.37 5.29
CA ASN F 76 30.92 2.48 3.87
C ASN F 76 32.18 3.34 3.75
N SER F 77 33.25 2.73 3.27
CA SER F 77 34.53 3.41 3.11
C SER F 77 34.43 4.67 2.28
N LYS F 78 33.41 4.72 1.42
CA LYS F 78 33.17 5.86 0.54
C LYS F 78 32.43 7.01 1.26
N TYR F 79 32.26 6.89 2.58
CA TYR F 79 31.61 7.94 3.35
C TYR F 79 32.51 9.17 3.37
N ASN F 80 31.94 10.33 3.13
CA ASN F 80 32.71 11.56 3.14
C ASN F 80 32.22 12.36 4.35
N SER F 81 33.08 12.52 5.35
CA SER F 81 32.69 13.24 6.56
C SER F 81 32.45 14.73 6.36
N LEU F 82 32.89 15.24 5.21
CA LEU F 82 32.72 16.65 4.90
C LEU F 82 31.43 16.90 4.16
N THR F 83 31.15 16.08 3.15
CA THR F 83 29.94 16.24 2.37
C THR F 83 28.82 15.38 2.93
N ILE F 84 29.20 14.44 3.79
CA ILE F 84 28.29 13.48 4.42
C ILE F 84 27.74 12.50 3.36
N ASN F 85 28.42 12.42 2.22
CA ASN F 85 27.97 11.54 1.15
C ASN F 85 28.34 10.09 1.44
N ASN F 86 27.41 9.20 1.10
CA ASN F 86 27.53 7.76 1.31
C ASN F 86 27.41 7.48 2.80
N ASP F 87 26.39 8.11 3.38
CA ASP F 87 26.09 8.01 4.80
C ASP F 87 25.43 6.66 5.16
N ILE F 88 26.19 5.57 5.10
CA ILE F 88 25.64 4.26 5.43
C ILE F 88 26.63 3.35 6.17
N THR F 89 26.11 2.59 7.12
CA THR F 89 26.91 1.67 7.89
C THR F 89 26.11 0.41 8.22
N LEU F 90 26.77 -0.74 8.14
CA LEU F 90 26.15 -2.02 8.44
C LEU F 90 26.60 -2.58 9.80
N LEU F 91 25.63 -3.08 10.55
CA LEU F 91 25.89 -3.65 11.86
C LEU F 91 25.54 -5.14 11.87
N LYS F 92 26.53 -5.99 12.11
CA LYS F 92 26.28 -7.42 12.18
C LYS F 92 26.13 -7.76 13.66
N LEU F 93 24.97 -8.26 14.03
CA LEU F 93 24.66 -8.60 15.40
C LEU F 93 25.45 -9.80 15.92
N SER F 94 25.79 -9.76 17.21
CA SER F 94 26.52 -10.87 17.84
C SER F 94 25.52 -12.01 17.99
N THR F 95 24.28 -11.61 18.21
CA THR F 95 23.19 -12.54 18.39
C THR F 95 22.05 -12.05 17.51
N ALA F 96 21.51 -12.96 16.72
CA ALA F 96 20.42 -12.65 15.81
C ALA F 96 19.13 -12.31 16.55
N ALA F 97 18.34 -11.43 15.93
CA ALA F 97 17.06 -11.00 16.46
C ALA F 97 16.06 -12.10 16.19
N SER F 98 15.34 -12.53 17.21
CA SER F 98 14.31 -13.55 17.01
C SER F 98 13.09 -12.80 16.50
N PHE F 99 12.66 -13.10 15.27
CA PHE F 99 11.54 -12.41 14.67
C PHE F 99 10.15 -12.73 15.24
N SER F 100 9.24 -11.77 15.09
CA SER F 100 7.89 -11.89 15.59
C SER F 100 7.08 -10.78 14.92
N GLN F 101 5.94 -10.44 15.50
CA GLN F 101 5.08 -9.40 14.95
C GLN F 101 5.77 -8.06 15.02
N THR F 102 6.32 -7.76 16.18
CA THR F 102 7.00 -6.50 16.47
C THR F 102 8.47 -6.42 16.04
N VAL F 103 9.02 -7.49 15.50
CA VAL F 103 10.41 -7.54 15.05
C VAL F 103 10.54 -8.24 13.68
N SER F 104 10.66 -7.46 12.62
CA SER F 104 10.81 -8.02 11.28
C SER F 104 11.64 -7.09 10.39
N ALA F 105 11.90 -7.51 9.15
CA ALA F 105 12.73 -6.75 8.23
C ALA F 105 12.04 -5.87 7.19
N VAL F 106 12.79 -4.92 6.67
CA VAL F 106 12.31 -4.00 5.65
C VAL F 106 12.90 -4.54 4.37
N CYS F 107 12.23 -4.31 3.26
CA CYS F 107 12.73 -4.77 1.98
C CYS F 107 13.80 -3.80 1.52
N LEU F 108 14.83 -4.32 0.85
CA LEU F 108 15.90 -3.48 0.31
C LEU F 108 15.59 -3.35 -1.18
N PRO F 109 15.70 -2.14 -1.75
CA PRO F 109 15.42 -1.95 -3.17
C PRO F 109 16.52 -2.46 -4.10
N SER F 110 16.18 -2.54 -5.38
CA SER F 110 17.14 -2.94 -6.38
C SER F 110 17.77 -1.60 -6.77
N ALA F 111 19.05 -1.61 -7.13
CA ALA F 111 19.74 -0.38 -7.51
C ALA F 111 19.08 0.32 -8.72
N SER F 112 18.14 -0.36 -9.36
CA SER F 112 17.45 0.18 -10.53
C SER F 112 16.05 0.68 -10.22
N ASP F 113 15.53 0.35 -9.04
CA ASP F 113 14.19 0.76 -8.65
C ASP F 113 14.05 2.25 -8.81
N ASP F 114 12.89 2.68 -9.31
CA ASP F 114 12.69 4.11 -9.50
C ASP F 114 11.65 4.65 -8.55
N PHE F 115 12.06 5.60 -7.72
CA PHE F 115 11.18 6.24 -6.76
C PHE F 115 11.23 7.70 -7.16
N ALA F 116 10.36 8.09 -8.09
CA ALA F 116 10.32 9.44 -8.61
C ALA F 116 9.83 10.50 -7.62
N ALA F 117 10.09 11.76 -7.96
CA ALA F 117 9.68 12.90 -7.15
C ALA F 117 8.18 12.79 -6.94
N GLY F 118 7.67 13.38 -5.86
CA GLY F 118 6.24 13.32 -5.60
C GLY F 118 5.81 12.07 -4.85
N THR F 119 6.44 10.94 -5.14
CA THR F 119 6.11 9.69 -4.46
C THR F 119 6.09 9.99 -2.96
N THR F 120 4.97 9.72 -2.31
CA THR F 120 4.83 9.97 -0.88
C THR F 120 5.28 8.73 -0.08
N CYS F 121 6.16 8.95 0.89
CA CYS F 121 6.70 7.86 1.72
C CYS F 121 6.55 8.18 3.20
N VAL F 122 7.11 7.31 4.05
CA VAL F 122 7.05 7.49 5.52
C VAL F 122 8.46 7.32 6.12
N THR F 123 8.73 8.07 7.18
CA THR F 123 10.01 8.00 7.89
C THR F 123 9.65 7.83 9.37
N THR F 124 10.47 7.12 10.12
CA THR F 124 10.19 6.88 11.54
C THR F 124 11.37 7.07 12.49
N GLY F 125 11.06 7.18 13.79
CA GLY F 125 12.12 7.34 14.78
C GLY F 125 11.70 8.01 16.08
N TRP F 126 12.62 8.03 17.05
CA TRP F 126 12.40 8.65 18.36
C TRP F 126 13.19 9.96 18.42
N GLY F 127 13.27 10.66 17.30
CA GLY F 127 14.01 11.91 17.27
C GLY F 127 13.19 13.08 17.75
N LEU F 128 13.85 14.14 18.20
CA LEU F 128 13.19 15.35 18.71
C LEU F 128 11.91 15.73 17.98
N THR F 129 10.79 15.68 18.70
CA THR F 129 9.50 16.04 18.16
C THR F 129 9.43 17.56 18.06
N ARG F 130 10.36 18.21 18.77
CA ARG F 130 10.44 19.66 18.79
C ARG F 130 11.90 19.98 18.97
N TYR F 131 12.49 20.67 17.99
CA TYR F 131 13.89 21.05 18.08
C TYR F 131 14.14 22.06 19.21
N ALA G 1 14.53 20.17 21.67
CA ALA G 1 13.98 20.60 22.98
C ALA G 1 12.99 19.59 23.54
N ASN G 2 12.17 18.99 22.68
CA ASN G 2 11.21 18.01 23.13
C ASN G 2 11.56 16.64 22.52
N THR G 3 11.85 15.68 23.38
CA THR G 3 12.22 14.33 22.95
C THR G 3 11.07 13.38 23.31
N PRO G 4 10.67 12.52 22.36
CA PRO G 4 9.58 11.56 22.57
C PRO G 4 9.97 10.18 23.12
N ASP G 5 9.06 9.61 23.91
CA ASP G 5 9.25 8.27 24.49
C ASP G 5 8.71 7.29 23.47
N ARG G 6 7.55 7.62 22.91
CA ARG G 6 6.89 6.79 21.93
C ARG G 6 7.41 7.03 20.53
N LEU G 7 7.40 5.97 19.73
CA LEU G 7 7.84 5.99 18.34
C LEU G 7 6.91 6.84 17.48
N GLN G 8 7.51 7.73 16.69
CA GLN G 8 6.76 8.61 15.81
C GLN G 8 6.88 8.16 14.36
N GLN G 9 6.01 8.70 13.52
CA GLN G 9 6.01 8.40 12.10
C GLN G 9 5.58 9.70 11.44
N ALA G 10 5.87 9.84 10.17
CA ALA G 10 5.48 11.04 9.44
C ALA G 10 5.61 10.82 7.95
N SER G 11 4.50 11.03 7.24
CA SER G 11 4.48 10.87 5.80
C SER G 11 5.06 12.15 5.20
N LEU G 12 5.75 12.03 4.07
CA LEU G 12 6.36 13.17 3.40
C LEU G 12 6.67 12.76 1.97
N PRO G 13 6.84 13.74 1.08
CA PRO G 13 7.14 13.50 -0.33
C PRO G 13 8.62 13.49 -0.73
N LEU G 14 8.96 12.65 -1.70
CA LEU G 14 10.32 12.59 -2.19
C LEU G 14 10.43 13.77 -3.16
N LEU G 15 11.56 14.45 -3.14
CA LEU G 15 11.75 15.58 -4.05
C LEU G 15 12.79 15.18 -5.09
N SER G 16 12.78 15.89 -6.22
CA SER G 16 13.73 15.64 -7.29
C SER G 16 15.06 16.26 -6.85
N ASN G 17 16.17 15.73 -7.33
CA ASN G 17 17.47 16.31 -6.97
C ASN G 17 17.54 17.68 -7.58
N THR G 18 16.79 17.88 -8.66
CA THR G 18 16.74 19.16 -9.33
C THR G 18 16.07 20.17 -8.39
N ASN G 19 14.94 19.80 -7.83
CA ASN G 19 14.21 20.67 -6.92
C ASN G 19 14.89 20.74 -5.56
N CYS G 20 15.52 19.64 -5.18
CA CYS G 20 16.25 19.52 -3.91
C CYS G 20 17.46 20.46 -3.96
N LYS G 21 18.13 20.45 -5.11
CA LYS G 21 19.31 21.27 -5.34
C LYS G 21 19.03 22.76 -5.36
N LYS G 22 17.77 23.14 -5.52
CA LYS G 22 17.40 24.56 -5.54
C LYS G 22 17.53 25.20 -4.16
N TYR G 23 17.63 24.38 -3.14
CA TYR G 23 17.78 24.90 -1.78
C TYR G 23 19.13 24.51 -1.20
N TRP G 24 19.59 23.31 -1.50
CA TRP G 24 20.85 22.85 -0.95
C TRP G 24 22.04 23.04 -1.88
N GLY G 25 21.76 23.21 -3.17
CA GLY G 25 22.82 23.41 -4.13
C GLY G 25 23.82 22.27 -4.21
N THR G 26 25.10 22.62 -4.20
CA THR G 26 26.18 21.65 -4.29
C THR G 26 26.23 20.61 -3.17
N LYS G 27 25.46 20.82 -2.11
CA LYS G 27 25.44 19.86 -1.01
C LYS G 27 24.85 18.51 -1.38
N ILE G 28 23.87 18.51 -2.29
CA ILE G 28 23.22 17.28 -2.71
C ILE G 28 24.10 16.45 -3.64
N LYS G 29 24.60 15.34 -3.12
CA LYS G 29 25.45 14.43 -3.86
C LYS G 29 24.66 13.28 -4.48
N ASP G 30 25.37 12.38 -5.14
CA ASP G 30 24.74 11.24 -5.82
C ASP G 30 24.02 10.25 -4.92
N ALA G 31 24.67 9.83 -3.84
CA ALA G 31 24.09 8.86 -2.91
C ALA G 31 23.18 9.54 -1.90
N MET G 32 22.59 10.66 -2.31
CA MET G 32 21.68 11.42 -1.47
C MET G 32 20.34 11.52 -2.15
N ILE G 33 19.28 11.50 -1.34
CA ILE G 33 17.91 11.60 -1.82
C ILE G 33 17.17 12.58 -0.92
N CYS G 34 16.40 13.48 -1.54
CA CYS G 34 15.65 14.46 -0.80
C CYS G 34 14.22 14.02 -0.50
N ALA G 35 13.71 14.46 0.66
CA ALA G 35 12.36 14.16 1.08
C ALA G 35 12.04 15.09 2.22
N GLY G 36 10.83 15.66 2.20
CA GLY G 36 10.44 16.57 3.27
C GLY G 36 9.99 17.91 2.75
N ALA G 37 10.27 18.97 3.52
CA ALA G 37 9.88 20.33 3.13
C ALA G 37 8.38 20.37 2.90
N SER G 38 7.66 19.48 3.55
CA SER G 38 6.22 19.41 3.39
C SER G 38 5.47 19.89 4.62
N GLY G 39 6.04 19.63 5.79
CA GLY G 39 5.39 20.03 7.03
C GLY G 39 6.00 19.35 8.24
N VAL G 40 6.74 18.28 7.99
CA VAL G 40 7.41 17.52 9.04
C VAL G 40 8.88 17.59 8.72
N SER G 41 9.72 17.25 9.70
CA SER G 41 11.16 17.25 9.48
C SER G 41 11.82 16.31 10.48
N SER G 42 12.62 15.36 9.98
CA SER G 42 13.34 14.45 10.87
C SER G 42 14.22 15.37 11.70
N CYS G 43 14.50 15.00 12.94
CA CYS G 43 15.30 15.85 13.80
C CYS G 43 16.32 15.02 14.58
N MET G 44 16.97 15.63 15.58
CA MET G 44 17.97 14.94 16.38
C MET G 44 17.51 13.61 16.95
N GLY G 45 18.27 12.55 16.66
CA GLY G 45 17.95 11.23 17.14
C GLY G 45 17.32 10.33 16.08
N ASP G 46 16.92 10.91 14.97
CA ASP G 46 16.30 10.16 13.88
C ASP G 46 17.34 9.51 13.00
N SER G 47 18.55 10.05 12.99
CA SER G 47 19.66 9.52 12.17
C SER G 47 19.81 8.02 12.15
N GLY G 48 19.99 7.47 10.96
CA GLY G 48 20.13 6.04 10.80
C GLY G 48 18.79 5.43 10.49
N GLY G 49 17.73 6.07 10.96
CA GLY G 49 16.37 5.61 10.75
C GLY G 49 16.01 5.49 9.29
N PRO G 50 14.85 4.86 8.99
CA PRO G 50 14.35 4.63 7.64
C PRO G 50 13.34 5.61 7.01
N LEU G 51 13.42 5.71 5.71
CA LEU G 51 12.52 6.50 4.88
C LEU G 51 12.02 5.38 3.97
N VAL G 52 10.82 4.88 4.25
CA VAL G 52 10.27 3.79 3.47
C VAL G 52 9.16 4.16 2.48
N CYS G 53 9.25 3.57 1.29
CA CYS G 53 8.26 3.78 0.23
C CYS G 53 7.79 2.41 -0.23
N LYS G 54 6.48 2.27 -0.34
CA LYS G 54 5.83 1.03 -0.77
C LYS G 54 6.23 0.68 -2.20
N LYS G 55 6.65 -0.57 -2.40
CA LYS G 55 7.05 -1.08 -3.70
C LYS G 55 6.32 -2.42 -3.87
N ASN G 56 5.46 -2.51 -4.89
CA ASN G 56 4.68 -3.73 -5.13
C ASN G 56 3.70 -4.04 -4.01
N GLY G 57 3.66 -3.19 -2.98
CA GLY G 57 2.77 -3.41 -1.86
C GLY G 57 3.52 -3.62 -0.55
N ALA G 58 4.86 -3.65 -0.64
CA ALA G 58 5.72 -3.84 0.51
C ALA G 58 6.60 -2.63 0.75
N TRP G 59 6.78 -2.27 2.02
CA TRP G 59 7.62 -1.14 2.37
C TRP G 59 9.07 -1.41 2.00
N THR G 60 9.63 -0.50 1.21
CA THR G 60 11.01 -0.60 0.77
C THR G 60 11.86 0.59 1.21
N LEU G 61 12.96 0.28 1.89
CA LEU G 61 13.91 1.25 2.39
C LEU G 61 14.50 2.08 1.27
N VAL G 62 14.06 3.32 1.17
CA VAL G 62 14.53 4.23 0.14
C VAL G 62 15.64 5.19 0.58
N GLY G 63 15.56 5.69 1.81
CA GLY G 63 16.57 6.59 2.32
C GLY G 63 16.87 6.33 3.79
N ILE G 64 18.05 6.75 4.23
CA ILE G 64 18.43 6.60 5.65
C ILE G 64 18.49 8.02 6.15
N VAL G 65 17.94 8.29 7.34
CA VAL G 65 17.95 9.64 7.90
C VAL G 65 19.38 10.14 8.02
N SER G 66 19.71 11.21 7.29
CA SER G 66 21.06 11.74 7.27
C SER G 66 21.21 13.13 7.88
N TRP G 67 20.99 14.16 7.07
CA TRP G 67 21.15 15.54 7.55
C TRP G 67 20.10 16.47 6.99
N GLY G 68 20.34 17.76 7.19
CA GLY G 68 19.42 18.77 6.70
C GLY G 68 19.60 20.08 7.46
N SER G 69 18.50 20.81 7.62
CA SER G 69 18.48 22.07 8.34
C SER G 69 18.91 21.84 9.78
N SER G 70 19.96 22.53 10.20
CA SER G 70 20.47 22.40 11.57
C SER G 70 19.46 22.72 12.66
N THR G 71 18.23 23.05 12.29
CA THR G 71 17.19 23.36 13.26
C THR G 71 15.89 22.62 12.93
N CYS G 72 15.99 21.59 12.10
CA CYS G 72 14.85 20.78 11.71
C CYS G 72 13.66 21.58 11.18
N SER G 73 13.89 22.35 10.12
CA SER G 73 12.83 23.17 9.53
C SER G 73 11.82 22.34 8.75
N THR G 74 10.56 22.73 8.89
CA THR G 74 9.43 22.07 8.24
C THR G 74 9.21 22.51 6.80
N SER G 75 9.90 23.57 6.39
CA SER G 75 9.79 24.10 5.03
C SER G 75 11.01 23.73 4.18
N THR G 76 12.05 23.22 4.82
CA THR G 76 13.25 22.83 4.10
C THR G 76 13.24 21.31 3.95
N PRO G 77 13.80 20.81 2.85
CA PRO G 77 13.84 19.37 2.60
C PRO G 77 14.92 18.63 3.40
N GLY G 78 14.60 17.41 3.82
CA GLY G 78 15.54 16.60 4.57
C GLY G 78 16.41 15.84 3.59
N VAL G 79 17.60 15.47 4.03
CA VAL G 79 18.51 14.73 3.17
C VAL G 79 18.74 13.36 3.77
N TYR G 80 18.49 12.35 2.95
CA TYR G 80 18.61 10.96 3.33
C TYR G 80 19.62 10.31 2.39
N ALA G 81 20.27 9.25 2.86
CA ALA G 81 21.21 8.55 2.01
C ALA G 81 20.34 7.69 1.09
N ARG G 82 20.66 7.73 -0.20
CA ARG G 82 19.94 7.00 -1.25
C ARG G 82 20.36 5.53 -1.27
N VAL G 83 19.49 4.68 -0.72
CA VAL G 83 19.75 3.25 -0.65
C VAL G 83 20.00 2.55 -1.99
N THR G 84 19.30 2.96 -3.05
CA THR G 84 19.51 2.32 -4.36
C THR G 84 20.95 2.47 -4.85
N ALA G 85 21.60 3.57 -4.46
CA ALA G 85 22.98 3.81 -4.87
C ALA G 85 23.94 3.24 -3.83
N LEU G 86 23.39 2.61 -2.80
CA LEU G 86 24.19 2.04 -1.71
C LEU G 86 23.91 0.56 -1.51
N VAL G 87 22.81 0.08 -2.10
CA VAL G 87 22.37 -1.31 -1.96
C VAL G 87 23.32 -2.38 -2.50
N ASN G 88 24.05 -2.09 -3.57
CA ASN G 88 24.99 -3.09 -4.10
C ASN G 88 26.13 -3.30 -3.11
N TRP G 89 26.55 -2.22 -2.46
CA TRP G 89 27.61 -2.29 -1.44
C TRP G 89 27.08 -3.14 -0.29
N VAL G 90 25.84 -2.88 0.10
CA VAL G 90 25.20 -3.61 1.17
C VAL G 90 25.24 -5.10 0.87
N GLN G 91 24.82 -5.46 -0.35
CA GLN G 91 24.79 -6.87 -0.75
C GLN G 91 26.16 -7.50 -0.74
N GLN G 92 27.13 -6.80 -1.31
CA GLN G 92 28.50 -7.30 -1.34
C GLN G 92 29.00 -7.55 0.07
N THR G 93 28.68 -6.64 0.98
CA THR G 93 29.07 -6.77 2.38
C THR G 93 28.36 -7.96 3.04
N LEU G 94 27.09 -8.18 2.70
CA LEU G 94 26.36 -9.29 3.28
C LEU G 94 26.88 -10.62 2.73
N ALA G 95 27.27 -10.62 1.46
CA ALA G 95 27.78 -11.83 0.81
C ALA G 95 29.22 -12.16 1.16
N ALA G 96 29.92 -11.20 1.74
CA ALA G 96 31.32 -11.39 2.11
C ALA G 96 31.59 -11.48 3.61
N ASN G 97 30.59 -11.17 4.42
CA ASN G 97 30.77 -11.18 5.86
C ASN G 97 29.65 -11.93 6.56
N GLU H 1 40.26 30.29 21.50
CA GLU H 1 40.63 28.86 21.74
C GLU H 1 39.38 28.05 21.46
N VAL H 2 39.54 26.75 21.27
CA VAL H 2 38.41 25.87 20.97
C VAL H 2 37.42 25.90 22.10
N CYS H 3 37.89 26.26 23.29
CA CYS H 3 37.05 26.31 24.47
C CYS H 3 36.02 27.44 24.54
N SER H 4 36.20 28.46 23.71
CA SER H 4 35.25 29.57 23.70
C SER H 4 34.25 29.48 22.56
N GLU H 5 34.49 28.55 21.64
CA GLU H 5 33.61 28.36 20.48
C GLU H 5 32.24 27.83 20.92
N GLN H 6 31.17 28.35 20.32
CA GLN H 6 29.81 27.93 20.63
C GLN H 6 29.60 26.44 20.38
N ALA H 7 28.74 25.81 21.17
CA ALA H 7 28.43 24.40 21.00
C ALA H 7 27.69 24.34 19.67
N GLU H 8 28.02 23.37 18.83
CA GLU H 8 27.37 23.22 17.54
C GLU H 8 26.95 21.78 17.29
N THR H 9 25.65 21.56 17.15
CA THR H 9 25.10 20.24 16.92
C THR H 9 25.40 19.77 15.50
N GLY H 10 25.31 20.70 14.54
CA GLY H 10 25.58 20.38 13.16
C GLY H 10 24.32 20.03 12.39
N PRO H 11 24.43 19.82 11.06
CA PRO H 11 23.29 19.49 10.20
C PRO H 11 22.86 18.02 10.18
N CYS H 12 23.58 17.14 10.87
CA CYS H 12 23.22 15.72 10.90
C CYS H 12 22.17 15.44 12.00
N ARG H 13 21.36 14.40 11.79
CA ARG H 13 20.28 14.05 12.73
C ARG H 13 20.55 13.11 13.92
N ALA H 14 21.80 12.93 14.33
CA ALA H 14 22.08 12.04 15.45
C ALA H 14 21.84 12.75 16.76
N MET H 15 21.93 12.03 17.86
CA MET H 15 21.73 12.63 19.16
C MET H 15 22.79 12.06 20.09
N ILE H 16 24.03 12.41 19.82
CA ILE H 16 25.16 11.92 20.59
C ILE H 16 25.51 12.83 21.77
N SER H 17 25.73 12.23 22.93
CA SER H 17 26.10 12.98 24.13
C SER H 17 27.54 13.43 24.12
N ARG H 18 27.73 14.76 24.08
CA ARG H 18 29.05 15.38 24.07
C ARG H 18 29.15 16.50 25.11
N TRP H 19 30.36 17.01 25.29
CA TRP H 19 30.64 18.06 26.27
C TRP H 19 31.42 19.20 25.66
N TYR H 20 31.01 20.43 25.97
CA TYR H 20 31.69 21.64 25.48
C TYR H 20 31.84 22.57 26.67
N PHE H 21 32.87 23.41 26.67
CA PHE H 21 33.01 24.33 27.80
C PHE H 21 32.02 25.48 27.65
N ASP H 22 31.09 25.60 28.59
CA ASP H 22 30.11 26.67 28.55
C ASP H 22 30.65 27.87 29.32
N VAL H 23 31.10 28.87 28.59
CA VAL H 23 31.66 30.07 29.19
C VAL H 23 30.64 30.78 30.09
N THR H 24 29.37 30.69 29.71
CA THR H 24 28.27 31.31 30.47
C THR H 24 28.04 30.57 31.80
N GLU H 25 28.63 29.39 31.91
CA GLU H 25 28.53 28.58 33.12
C GLU H 25 29.89 28.51 33.81
N GLY H 26 30.94 28.82 33.05
CA GLY H 26 32.29 28.77 33.59
C GLY H 26 32.76 27.35 33.75
N LYS H 27 31.98 26.39 33.23
CA LYS H 27 32.30 24.98 33.33
C LYS H 27 31.87 24.18 32.09
N CYS H 28 32.44 22.99 31.90
CA CYS H 28 32.07 22.11 30.78
C CYS H 28 30.63 21.64 30.94
N ALA H 29 29.83 21.83 29.91
CA ALA H 29 28.43 21.42 29.94
C ALA H 29 28.20 20.49 28.77
N PRO H 30 27.22 19.61 28.89
CA PRO H 30 26.93 18.68 27.79
C PRO H 30 26.01 19.32 26.75
N PHE H 31 25.84 18.59 25.65
CA PHE H 31 24.98 18.98 24.55
C PHE H 31 24.89 17.76 23.65
N PHE H 32 23.88 17.71 22.79
CA PHE H 32 23.73 16.59 21.87
C PHE H 32 24.26 17.01 20.50
N TYR H 33 25.25 16.25 20.03
CA TYR H 33 25.88 16.49 18.74
C TYR H 33 25.17 15.68 17.64
N GLY H 34 24.95 16.34 16.50
CA GLY H 34 24.28 15.72 15.37
C GLY H 34 25.03 14.59 14.68
N GLY H 35 26.34 14.51 14.90
CA GLY H 35 27.11 13.45 14.29
C GLY H 35 28.06 13.91 13.19
N CYS H 36 27.96 15.18 12.80
CA CYS H 36 28.83 15.71 11.77
C CYS H 36 28.91 17.23 11.84
N GLY H 37 29.99 17.78 11.31
CA GLY H 37 30.18 19.22 11.34
C GLY H 37 30.48 19.68 12.75
N GLY H 38 29.93 20.82 13.15
CA GLY H 38 30.18 21.36 14.47
C GLY H 38 31.58 21.94 14.53
N ASN H 39 32.14 22.04 15.73
CA ASN H 39 33.48 22.57 15.88
C ASN H 39 34.31 21.77 16.88
N ARG H 40 35.45 22.31 17.27
CA ARG H 40 36.34 21.62 18.20
C ARG H 40 35.91 21.63 19.66
N ASN H 41 35.01 22.54 20.03
CA ASN H 41 34.54 22.58 21.41
C ASN H 41 33.50 21.47 21.45
N ASN H 42 33.98 20.23 21.40
CA ASN H 42 33.12 19.04 21.36
C ASN H 42 33.92 17.83 21.86
N PHE H 43 33.74 17.49 23.12
CA PHE H 43 34.47 16.40 23.75
C PHE H 43 33.54 15.27 24.13
N ASP H 44 34.08 14.05 24.12
CA ASP H 44 33.31 12.85 24.46
C ASP H 44 32.89 12.67 25.93
N THR H 45 33.66 13.20 26.88
CA THR H 45 33.31 13.09 28.29
C THR H 45 33.54 14.41 29.02
N GLU H 46 32.95 14.51 30.22
CA GLU H 46 33.11 15.71 31.04
C GLU H 46 34.55 15.87 31.45
N GLU H 47 35.15 14.77 31.90
CA GLU H 47 36.53 14.77 32.35
C GLU H 47 37.49 15.17 31.22
N TYR H 48 37.21 14.72 30.00
CA TYR H 48 38.08 15.06 28.89
C TYR H 48 37.97 16.54 28.57
N CYS H 49 36.75 17.05 28.61
CA CYS H 49 36.48 18.46 28.34
C CYS H 49 37.13 19.33 29.41
N MET H 50 37.03 18.86 30.66
CA MET H 50 37.61 19.56 31.81
C MET H 50 39.12 19.54 31.71
N ALA H 51 39.65 18.48 31.10
CA ALA H 51 41.09 18.32 30.94
C ALA H 51 41.66 19.15 29.79
N VAL H 52 40.88 19.32 28.73
CA VAL H 52 41.32 20.10 27.58
C VAL H 52 41.11 21.58 27.86
N CYS H 53 39.96 21.89 28.45
CA CYS H 53 39.63 23.26 28.79
C CYS H 53 39.82 23.39 30.28
N GLY H 54 41.08 23.33 30.69
CA GLY H 54 41.44 23.45 32.09
C GLY H 54 42.94 23.59 32.23
#